data_7PRG
#
_entry.id   7PRG
#
_cell.length_a   52.900
_cell.length_b   73.870
_cell.length_c   55.003
_cell.angle_alpha   90.000
_cell.angle_beta   94.580
_cell.angle_gamma   90.000
#
_symmetry.space_group_name_H-M   'P 1 21 1'
#
loop_
_entity.id
_entity.type
_entity.pdbx_description
1 polymer 'Fucose-binding lectin'
2 non-polymer 'CALCIUM ION'
3 non-polymer alpha-L-fucopyranose
4 non-polymer 'SULFATE ION'
5 water water
#
_entity_poly.entity_id   1
_entity_poly.type   'polypeptide(L)'
_entity_poly.pdbx_seq_one_letter_code
;MATQGVFTLPANTRFGVTAFANSSGTQTVNVLVNNETAATFSGQSTNNAVIGTQVLNSGSSGKVQVQVSVNGRPSDLVSA
QVILTNELNFALVGSEDGTDNDYNDAVVVINWPLG
;
_entity_poly.pdbx_strand_id   A,B,C,D
#
loop_
_chem_comp.id
_chem_comp.type
_chem_comp.name
_chem_comp.formula
CA non-polymer 'CALCIUM ION' 'Ca 2'
FUC L-saccharide, alpha linking alpha-L-fucopyranose 'C6 H12 O5'
SO4 non-polymer 'SULFATE ION' 'O4 S -2'
#
# COMPACT_ATOMS: atom_id res chain seq x y z
N ALA A 2 -6.90 16.23 -3.29
CA ALA A 2 -7.69 15.30 -2.43
C ALA A 2 -7.36 15.53 -0.98
N THR A 3 -8.35 15.31 -0.15
CA THR A 3 -8.17 15.25 1.28
C THR A 3 -7.18 14.16 1.66
N GLN A 4 -6.28 14.48 2.60
CA GLN A 4 -5.27 13.57 3.10
C GLN A 4 -5.28 13.65 4.62
N GLY A 5 -4.83 12.56 5.24
CA GLY A 5 -4.68 12.49 6.67
C GLY A 5 -5.95 12.22 7.42
N VAL A 6 -7.00 11.79 6.74
CA VAL A 6 -8.29 11.45 7.33
C VAL A 6 -8.56 9.97 7.10
N PHE A 7 -8.92 9.26 8.16
CA PHE A 7 -9.11 7.82 8.09
C PHE A 7 -10.35 7.40 8.86
N THR A 8 -11.12 6.47 8.31
CA THR A 8 -12.25 5.87 9.02
C THR A 8 -11.81 4.53 9.61
N LEU A 9 -11.72 4.48 10.91
CA LEU A 9 -11.44 3.26 11.64
C LEU A 9 -12.75 2.59 12.05
N PRO A 10 -12.71 1.31 12.36
CA PRO A 10 -13.89 0.70 13.00
C PRO A 10 -14.20 1.43 14.28
N ALA A 11 -15.49 1.59 14.55
CA ALA A 11 -15.92 2.24 15.77
C ALA A 11 -15.36 1.56 17.02
N ASN A 12 -15.11 2.38 18.06
CA ASN A 12 -14.80 1.93 19.41
C ASN A 12 -13.61 0.98 19.44
N THR A 13 -12.62 1.20 18.58
N THR A 13 -12.58 1.32 18.67
CA THR A 13 -11.47 0.31 18.52
CA THR A 13 -11.41 0.48 18.52
C THR A 13 -10.21 1.07 18.86
C THR A 13 -10.20 1.22 19.06
N ARG A 14 -9.43 0.50 19.77
N ARG A 14 -9.34 0.48 19.74
CA ARG A 14 -8.17 1.10 20.16
CA ARG A 14 -8.09 1.01 20.26
C ARG A 14 -7.21 1.06 18.98
C ARG A 14 -7.02 0.93 19.17
N PHE A 15 -6.32 2.05 18.94
CA PHE A 15 -5.33 2.12 17.90
C PHE A 15 -4.10 2.82 18.48
N GLY A 16 -2.97 2.54 17.87
CA GLY A 16 -1.74 3.22 18.22
C GLY A 16 -1.43 4.34 17.23
N VAL A 17 -0.84 5.41 17.76
CA VAL A 17 -0.37 6.51 16.92
C VAL A 17 1.01 6.92 17.39
N THR A 18 1.96 7.02 16.46
CA THR A 18 3.37 7.28 16.74
C THR A 18 3.87 8.26 15.69
N ALA A 19 4.57 9.28 16.17
CA ALA A 19 5.06 10.35 15.31
C ALA A 19 6.55 10.50 15.43
N PHE A 20 7.16 10.81 14.29
CA PHE A 20 8.59 10.91 14.10
C PHE A 20 8.88 12.29 13.48
N ALA A 21 10.03 12.86 13.78
CA ALA A 21 10.40 14.14 13.18
C ALA A 21 11.71 14.08 12.39
N ASN A 22 11.74 14.85 11.30
CA ASN A 22 12.88 14.93 10.42
C ASN A 22 12.94 16.31 9.78
N SER A 23 13.27 17.33 10.58
CA SER A 23 13.24 18.70 10.09
C SER A 23 13.94 19.62 11.10
N SER A 24 14.38 20.78 10.60
N SER A 24 14.42 20.77 10.60
CA SER A 24 14.92 21.81 11.48
CA SER A 24 14.92 21.77 11.54
C SER A 24 13.81 22.51 12.25
C SER A 24 13.80 22.33 12.38
N GLY A 25 12.58 22.35 11.82
CA GLY A 25 11.45 22.98 12.45
C GLY A 25 10.84 22.10 13.50
N THR A 26 10.32 22.75 14.54
CA THR A 26 9.55 22.05 15.56
C THR A 26 8.19 21.64 15.00
N GLN A 27 7.86 20.34 15.10
CA GLN A 27 6.62 19.81 14.59
C GLN A 27 5.59 19.77 15.71
N THR A 28 4.36 20.22 15.42
CA THR A 28 3.21 19.96 16.29
C THR A 28 2.24 19.08 15.52
N VAL A 29 1.95 17.91 16.08
CA VAL A 29 1.07 16.92 15.45
C VAL A 29 -0.17 16.86 16.32
N ASN A 30 -1.34 17.16 15.74
CA ASN A 30 -2.61 16.95 16.42
C ASN A 30 -3.35 15.75 15.84
N VAL A 31 -3.86 14.89 16.71
CA VAL A 31 -4.70 13.77 16.32
C VAL A 31 -6.11 14.05 16.80
N LEU A 32 -7.05 14.11 15.85
CA LEU A 32 -8.44 14.43 16.13
C LEU A 32 -9.27 13.15 16.05
N VAL A 33 -10.10 12.95 17.05
CA VAL A 33 -11.12 11.90 17.06
C VAL A 33 -12.48 12.59 17.20
N ASN A 34 -13.36 12.30 16.26
CA ASN A 34 -14.68 12.92 16.21
C ASN A 34 -14.55 14.44 16.19
N ASN A 35 -13.59 14.91 15.39
CA ASN A 35 -13.38 16.33 15.12
C ASN A 35 -13.02 17.12 16.35
N GLU A 36 -12.48 16.48 17.36
CA GLU A 36 -11.90 17.17 18.51
C GLU A 36 -10.49 16.68 18.75
N THR A 37 -9.63 17.55 19.24
CA THR A 37 -8.25 17.12 19.50
C THR A 37 -8.21 16.07 20.63
N ALA A 38 -7.66 14.91 20.34
CA ALA A 38 -7.50 13.83 21.31
C ALA A 38 -6.08 13.70 21.85
N ALA A 39 -5.10 14.10 21.08
CA ALA A 39 -3.70 14.01 21.48
C ALA A 39 -2.92 15.03 20.67
N THR A 40 -1.87 15.52 21.29
CA THR A 40 -0.96 16.46 20.67
C THR A 40 0.45 16.03 21.01
N PHE A 41 1.32 15.95 19.99
CA PHE A 41 2.74 15.69 20.17
C PHE A 41 3.54 16.83 19.60
N SER A 42 4.68 17.14 20.21
CA SER A 42 5.54 18.14 19.62
C SER A 42 6.99 17.82 19.92
N GLY A 43 7.86 18.20 18.99
CA GLY A 43 9.29 18.03 19.18
C GLY A 43 10.02 18.38 17.91
N GLN A 44 11.34 18.30 18.00
CA GLN A 44 12.22 18.68 16.91
C GLN A 44 13.36 17.67 16.83
N SER A 45 13.57 17.15 15.65
CA SER A 45 14.68 16.23 15.41
C SER A 45 14.95 16.21 13.91
N THR A 46 16.22 15.98 13.53
CA THR A 46 16.57 15.63 12.16
C THR A 46 17.02 14.20 12.02
N ASN A 47 16.73 13.38 13.04
N ASN A 47 16.76 13.37 13.04
CA ASN A 47 17.22 12.02 13.10
CA ASN A 47 17.23 11.99 13.05
C ASN A 47 16.12 11.01 13.38
C ASN A 47 16.11 11.04 13.46
N ASN A 48 14.88 11.33 13.00
CA ASN A 48 13.75 10.40 13.10
C ASN A 48 13.37 10.09 14.52
N ALA A 49 13.62 11.02 15.46
CA ALA A 49 13.20 10.81 16.85
C ALA A 49 11.69 10.62 16.93
N VAL A 50 11.28 9.71 17.83
CA VAL A 50 9.88 9.61 18.18
C VAL A 50 9.52 10.80 19.04
N ILE A 51 8.61 11.65 18.57
CA ILE A 51 8.20 12.80 19.36
C ILE A 51 6.93 12.53 20.13
N GLY A 52 6.23 11.43 19.84
CA GLY A 52 5.18 10.97 20.73
C GLY A 52 4.62 9.63 20.27
N THR A 53 4.01 8.94 21.22
CA THR A 53 3.35 7.68 20.93
C THR A 53 2.26 7.49 21.98
N GLN A 54 1.09 7.07 21.52
CA GLN A 54 -0.05 6.98 22.42
C GLN A 54 -1.04 5.93 21.89
N VAL A 55 -1.83 5.37 22.81
CA VAL A 55 -2.95 4.50 22.45
C VAL A 55 -4.24 5.31 22.66
N LEU A 56 -5.07 5.34 21.64
CA LEU A 56 -6.33 6.09 21.65
C LEU A 56 -7.48 5.18 21.27
N ASN A 57 -8.69 5.64 21.56
CA ASN A 57 -9.91 4.98 21.11
C ASN A 57 -10.54 5.76 19.97
N SER A 58 -10.98 5.05 18.92
CA SER A 58 -11.54 5.69 17.75
C SER A 58 -12.95 6.24 17.97
N GLY A 59 -13.59 5.87 19.06
CA GLY A 59 -14.88 6.43 19.44
C GLY A 59 -16.04 5.95 18.58
N SER A 60 -17.17 6.63 18.75
CA SER A 60 -18.42 6.13 18.17
C SER A 60 -18.39 6.18 16.66
N SER A 61 -17.75 7.19 16.08
CA SER A 61 -17.81 7.38 14.64
C SER A 61 -16.62 6.78 13.93
N GLY A 62 -15.53 6.53 14.63
CA GLY A 62 -14.37 6.00 13.98
C GLY A 62 -13.55 7.00 13.18
N LYS A 63 -13.94 8.26 13.11
CA LYS A 63 -13.24 9.22 12.25
C LYS A 63 -11.99 9.74 12.97
N VAL A 64 -10.83 9.53 12.36
CA VAL A 64 -9.54 9.98 12.90
C VAL A 64 -8.88 10.89 11.89
N GLN A 65 -8.33 12.01 12.38
CA GLN A 65 -7.65 12.92 11.49
C GLN A 65 -6.33 13.39 12.09
N VAL A 66 -5.31 13.48 11.24
CA VAL A 66 -4.00 13.96 11.60
C VAL A 66 -3.79 15.33 10.97
N GLN A 67 -3.33 16.27 11.78
CA GLN A 67 -2.91 17.59 11.31
C GLN A 67 -1.52 17.88 11.84
N VAL A 68 -0.73 18.58 11.05
CA VAL A 68 0.67 18.88 11.40
C VAL A 68 0.88 20.38 11.12
N SER A 69 1.43 21.09 12.11
N SER A 69 1.44 21.09 12.10
CA SER A 69 1.71 22.51 12.03
CA SER A 69 1.72 22.51 11.98
C SER A 69 3.19 22.73 12.35
C SER A 69 3.15 22.78 12.38
N VAL A 70 3.81 23.63 11.60
CA VAL A 70 5.20 24.01 11.81
C VAL A 70 5.30 25.52 11.59
N ASN A 71 5.94 26.23 12.53
CA ASN A 71 6.20 27.67 12.38
C ASN A 71 4.91 28.43 12.12
N GLY A 72 3.81 27.91 12.63
CA GLY A 72 2.54 28.59 12.56
C GLY A 72 1.67 28.24 11.39
N ARG A 73 2.09 27.32 10.52
CA ARG A 73 1.31 27.05 9.35
C ARG A 73 1.19 25.55 9.12
N PRO A 74 0.08 25.11 8.57
CA PRO A 74 -0.13 23.68 8.36
C PRO A 74 0.74 23.15 7.26
N SER A 75 1.29 21.95 7.49
CA SER A 75 2.12 21.28 6.50
C SER A 75 1.24 20.58 5.49
N ASP A 76 1.77 20.39 4.30
CA ASP A 76 1.07 19.65 3.28
C ASP A 76 1.21 18.16 3.63
N LEU A 77 0.12 17.43 3.52
CA LEU A 77 0.09 16.03 3.92
C LEU A 77 -0.03 15.09 2.72
N VAL A 78 0.53 13.89 2.87
N VAL A 78 0.51 13.88 2.87
CA VAL A 78 0.25 12.77 1.99
CA VAL A 78 0.25 12.77 1.95
C VAL A 78 -0.11 11.60 2.89
C VAL A 78 -0.01 11.55 2.80
N SER A 79 -1.02 10.76 2.44
CA SER A 79 -1.39 9.62 3.26
C SER A 79 -1.93 8.47 2.43
N ALA A 80 -1.92 7.29 3.04
CA ALA A 80 -2.61 6.10 2.52
C ALA A 80 -2.83 5.11 3.66
N GLN A 81 -3.69 4.13 3.41
CA GLN A 81 -3.93 3.01 4.32
C GLN A 81 -3.60 1.72 3.60
N VAL A 82 -2.93 0.83 4.31
N VAL A 82 -2.96 0.79 4.30
CA VAL A 82 -2.52 -0.48 3.82
CA VAL A 82 -2.54 -0.48 3.72
C VAL A 82 -3.08 -1.51 4.78
C VAL A 82 -2.87 -1.57 4.71
N ILE A 83 -3.55 -2.61 4.23
CA ILE A 83 -4.00 -3.75 5.02
C ILE A 83 -3.25 -4.98 4.53
N LEU A 84 -2.62 -5.68 5.46
CA LEU A 84 -1.89 -6.90 5.22
C LEU A 84 -2.64 -8.11 5.78
N THR A 85 -2.61 -9.24 5.03
CA THR A 85 -3.32 -10.49 5.29
C THR A 85 -4.71 -10.26 5.86
N ASN A 86 -5.39 -9.27 5.26
CA ASN A 86 -6.80 -8.95 5.52
C ASN A 86 -7.09 -8.64 6.99
N GLU A 87 -6.06 -8.30 7.78
N GLU A 87 -6.08 -8.26 7.76
CA GLU A 87 -6.27 -8.15 9.22
CA GLU A 87 -6.26 -8.04 9.20
C GLU A 87 -5.43 -7.04 9.87
C GLU A 87 -5.54 -6.78 9.67
N LEU A 88 -4.26 -6.70 9.34
CA LEU A 88 -3.34 -5.78 9.97
C LEU A 88 -3.39 -4.47 9.18
N ASN A 89 -3.72 -3.38 9.86
CA ASN A 89 -3.97 -2.10 9.24
C ASN A 89 -2.90 -1.06 9.62
N PHE A 90 -2.43 -0.33 8.62
CA PHE A 90 -1.56 0.83 8.80
C PHE A 90 -2.18 2.02 8.10
N ALA A 91 -2.25 3.12 8.80
CA ALA A 91 -2.61 4.40 8.20
C ALA A 91 -1.35 5.26 8.32
N LEU A 92 -0.90 5.76 7.20
CA LEU A 92 0.42 6.37 7.11
C LEU A 92 0.31 7.80 6.65
N VAL A 93 1.04 8.70 7.29
CA VAL A 93 1.02 10.11 6.96
C VAL A 93 2.46 10.63 6.82
N GLY A 94 2.73 11.32 5.72
CA GLY A 94 3.92 12.13 5.62
C GLY A 94 3.52 13.61 5.52
N SER A 95 4.47 14.50 5.76
CA SER A 95 4.15 15.91 5.76
C SER A 95 5.36 16.72 5.36
N GLU A 96 5.08 17.87 4.71
CA GLU A 96 6.13 18.76 4.20
C GLU A 96 5.94 20.18 4.75
N ASP A 97 6.95 20.67 5.45
CA ASP A 97 6.90 21.98 6.08
C ASP A 97 7.66 23.04 5.29
N GLY A 98 8.30 22.65 4.19
CA GLY A 98 9.23 23.51 3.49
C GLY A 98 9.16 23.36 2.02
N THR A 99 10.34 23.37 1.39
CA THR A 99 10.44 23.44 -0.06
C THR A 99 11.18 22.28 -0.69
N ASP A 100 11.76 21.36 0.07
CA ASP A 100 12.54 20.29 -0.53
C ASP A 100 11.70 19.06 -0.89
N ASN A 101 10.45 18.99 -0.43
CA ASN A 101 9.50 17.93 -0.77
C ASN A 101 10.02 16.55 -0.44
N ASP A 102 10.69 16.41 0.72
CA ASP A 102 11.01 15.06 1.20
C ASP A 102 9.83 14.43 1.96
N TYR A 103 8.86 15.24 2.38
CA TYR A 103 7.60 14.77 3.02
C TYR A 103 7.83 13.87 4.22
N ASN A 104 8.95 14.03 4.91
CA ASN A 104 9.24 13.27 6.10
C ASN A 104 9.32 14.14 7.35
N ASP A 105 8.91 15.40 7.26
CA ASP A 105 9.25 16.34 8.29
C ASP A 105 8.55 15.99 9.59
N ALA A 106 7.31 15.54 9.50
CA ALA A 106 6.70 14.73 10.52
C ALA A 106 6.09 13.55 9.82
N VAL A 107 6.32 12.35 10.34
CA VAL A 107 5.82 11.10 9.81
C VAL A 107 4.94 10.53 10.91
N VAL A 108 3.74 10.10 10.57
CA VAL A 108 2.77 9.57 11.55
C VAL A 108 2.33 8.18 11.10
N VAL A 109 2.42 7.23 12.02
CA VAL A 109 1.98 5.86 11.81
C VAL A 109 0.87 5.56 12.80
N ILE A 110 -0.25 5.10 12.26
CA ILE A 110 -1.39 4.62 12.99
C ILE A 110 -1.53 3.15 12.68
N ASN A 111 -1.64 2.32 13.72
CA ASN A 111 -1.77 0.89 13.50
C ASN A 111 -2.87 0.29 14.38
N TRP A 112 -3.56 -0.66 13.81
CA TRP A 112 -4.56 -1.43 14.55
C TRP A 112 -4.77 -2.72 13.84
N PRO A 113 -5.37 -3.71 14.50
CA PRO A 113 -5.76 -3.79 15.89
C PRO A 113 -4.55 -3.94 16.79
N LEU A 114 -4.81 -3.66 18.06
CA LEU A 114 -3.82 -3.85 19.12
C LEU A 114 -4.20 -5.10 19.92
N GLY A 115 -3.32 -5.48 20.82
CA GLY A 115 -3.63 -6.56 21.74
C GLY A 115 -3.19 -7.94 21.33
N ALA B 2 5.44 -16.80 -0.35
CA ALA B 2 6.52 -15.91 -0.87
C ALA B 2 7.39 -15.43 0.28
N THR B 3 8.62 -15.09 -0.03
CA THR B 3 9.50 -14.50 0.97
C THR B 3 8.90 -13.19 1.49
N GLN B 4 9.00 -12.98 2.81
CA GLN B 4 8.46 -11.78 3.44
C GLN B 4 9.52 -11.21 4.38
N GLY B 5 9.48 -9.90 4.63
CA GLY B 5 10.38 -9.33 5.61
C GLY B 5 11.73 -8.95 5.05
N VAL B 6 11.88 -8.99 3.74
CA VAL B 6 13.15 -8.69 3.06
C VAL B 6 12.89 -7.52 2.12
N PHE B 7 13.72 -6.50 2.21
CA PHE B 7 13.55 -5.29 1.43
C PHE B 7 14.89 -4.82 0.89
N THR B 8 14.89 -4.28 -0.31
CA THR B 8 16.08 -3.66 -0.88
C THR B 8 15.92 -2.16 -0.80
N LEU B 9 16.78 -1.53 -0.03
CA LEU B 9 16.82 -0.09 0.05
C LEU B 9 17.95 0.44 -0.82
N PRO B 10 17.89 1.70 -1.16
CA PRO B 10 19.06 2.34 -1.79
C PRO B 10 20.27 2.15 -0.90
N ALA B 11 21.43 2.03 -1.54
CA ALA B 11 22.65 1.80 -0.80
C ALA B 11 23.04 3.00 0.04
N ASN B 12 23.74 2.73 1.13
CA ASN B 12 24.39 3.72 2.00
C ASN B 12 23.41 4.81 2.42
N THR B 13 22.21 4.39 2.78
CA THR B 13 21.09 5.28 3.10
C THR B 13 20.65 5.04 4.56
N ARG B 14 20.50 6.14 5.31
N ARG B 14 20.47 6.12 5.31
CA ARG B 14 19.94 6.06 6.65
CA ARG B 14 20.03 5.96 6.69
C ARG B 14 18.46 5.69 6.56
C ARG B 14 18.50 5.83 6.72
N PHE B 15 18.02 4.86 7.50
CA PHE B 15 16.62 4.53 7.59
C PHE B 15 16.26 4.33 9.05
N GLY B 16 14.97 4.53 9.37
CA GLY B 16 14.47 4.28 10.70
C GLY B 16 13.80 2.93 10.76
N VAL B 17 13.94 2.28 11.91
CA VAL B 17 13.23 1.03 12.16
C VAL B 17 12.65 1.06 13.56
N THR B 18 11.37 0.75 13.66
CA THR B 18 10.59 0.90 14.89
C THR B 18 9.74 -0.36 15.06
N ALA B 19 9.78 -0.93 16.24
CA ALA B 19 9.06 -2.15 16.54
C ALA B 19 8.07 -1.93 17.69
N PHE B 20 6.87 -2.49 17.51
CA PHE B 20 5.78 -2.50 18.44
C PHE B 20 5.41 -3.93 18.81
N ALA B 21 4.93 -4.11 20.01
CA ALA B 21 4.52 -5.44 20.47
C ALA B 21 3.09 -5.47 20.93
N ASN B 22 2.42 -6.58 20.63
CA ASN B 22 1.00 -6.82 20.94
C ASN B 22 0.77 -8.33 21.09
N SER B 23 1.23 -8.86 22.22
CA SER B 23 1.16 -10.31 22.48
C SER B 23 1.48 -10.58 23.94
N SER B 24 1.01 -11.74 24.42
CA SER B 24 1.43 -12.17 25.73
C SER B 24 2.84 -12.69 25.75
N GLY B 25 3.40 -13.01 24.58
CA GLY B 25 4.74 -13.52 24.53
C GLY B 25 5.76 -12.40 24.32
N THR B 26 6.92 -12.60 24.91
CA THR B 26 8.06 -11.69 24.69
C THR B 26 8.58 -11.82 23.26
N GLN B 27 8.50 -10.73 22.53
CA GLN B 27 8.97 -10.63 21.17
C GLN B 27 10.45 -10.28 21.11
N THR B 28 11.17 -10.93 20.19
CA THR B 28 12.52 -10.57 19.83
C THR B 28 12.54 -10.22 18.36
N VAL B 29 12.93 -9.00 18.08
CA VAL B 29 13.02 -8.47 16.72
C VAL B 29 14.48 -8.28 16.41
N ASN B 30 14.94 -8.91 15.34
CA ASN B 30 16.30 -8.74 14.84
C ASN B 30 16.23 -8.08 13.48
N VAL B 31 17.04 -7.05 13.29
CA VAL B 31 17.13 -6.36 12.02
C VAL B 31 18.51 -6.63 11.46
N LEU B 32 18.56 -7.27 10.29
CA LEU B 32 19.79 -7.64 9.61
C LEU B 32 20.06 -6.70 8.45
N VAL B 33 21.29 -6.24 8.37
CA VAL B 33 21.75 -5.42 7.25
C VAL B 33 22.93 -6.18 6.64
N ASN B 34 22.81 -6.54 5.38
CA ASN B 34 23.80 -7.40 4.71
C ASN B 34 24.10 -8.64 5.53
N ASN B 35 23.02 -9.29 5.96
N ASN B 35 23.02 -9.33 5.92
CA ASN B 35 23.02 -10.61 6.57
CA ASN B 35 23.05 -10.63 6.60
C ASN B 35 23.65 -10.65 7.96
C ASN B 35 23.90 -10.61 7.87
N GLU B 36 23.87 -9.49 8.56
CA GLU B 36 24.48 -9.35 9.86
C GLU B 36 23.53 -8.60 10.77
N THR B 37 23.37 -9.05 12.01
CA THR B 37 22.47 -8.37 12.94
C THR B 37 22.97 -6.98 13.26
N ALA B 38 22.13 -6.00 12.98
CA ALA B 38 22.46 -4.60 13.23
C ALA B 38 21.68 -3.99 14.38
N ALA B 39 20.53 -4.56 14.72
CA ALA B 39 19.80 -4.11 15.89
C ALA B 39 18.92 -5.25 16.40
N THR B 40 18.69 -5.25 17.70
N THR B 40 18.72 -5.29 17.71
CA THR B 40 17.82 -6.24 18.29
CA THR B 40 17.83 -6.26 18.31
C THR B 40 17.04 -5.58 19.42
C THR B 40 17.04 -5.57 19.42
N PHE B 41 15.75 -5.89 19.48
CA PHE B 41 14.84 -5.34 20.47
C PHE B 41 14.03 -6.48 21.04
N SER B 42 13.72 -6.42 22.32
CA SER B 42 12.89 -7.45 22.93
C SER B 42 11.96 -6.83 23.96
N GLY B 43 10.76 -7.36 24.04
CA GLY B 43 9.85 -6.93 25.09
C GLY B 43 8.48 -7.55 24.95
N GLN B 44 7.68 -7.38 26.00
CA GLN B 44 6.33 -7.90 26.03
C GLN B 44 5.39 -6.73 26.29
N SER B 45 4.34 -6.67 25.47
CA SER B 45 3.28 -5.69 25.64
C SER B 45 2.06 -6.19 24.93
N THR B 46 0.87 -5.91 25.49
CA THR B 46 -0.37 -6.04 24.75
C THR B 46 -0.98 -4.70 24.44
N ASN B 47 -0.18 -3.61 24.53
N ASN B 47 -0.19 -3.63 24.53
CA ASN B 47 -0.64 -2.24 24.36
CA ASN B 47 -0.70 -2.30 24.29
C ASN B 47 0.19 -1.43 23.36
C ASN B 47 0.28 -1.47 23.44
N ASN B 48 0.87 -2.08 22.42
CA ASN B 48 1.59 -1.37 21.35
C ASN B 48 2.81 -0.62 21.84
N ALA B 49 3.50 -1.15 22.85
CA ALA B 49 4.73 -0.54 23.34
C ALA B 49 5.74 -0.48 22.22
N VAL B 50 6.52 0.60 22.19
CA VAL B 50 7.60 0.74 21.24
C VAL B 50 8.78 0.02 21.86
N ILE B 51 8.99 -1.24 21.51
CA ILE B 51 10.04 -1.97 22.19
C ILE B 51 11.42 -1.61 21.66
N GLY B 52 11.48 -0.91 20.55
CA GLY B 52 12.73 -0.32 20.11
C GLY B 52 12.56 0.53 18.88
N THR B 53 13.42 1.52 18.74
CA THR B 53 13.48 2.38 17.55
C THR B 53 14.93 2.82 17.40
N GLN B 54 15.42 2.78 16.16
CA GLN B 54 16.84 3.03 15.93
C GLN B 54 17.01 3.49 14.50
N VAL B 55 18.07 4.24 14.27
CA VAL B 55 18.48 4.67 12.92
C VAL B 55 19.65 3.84 12.48
N LEU B 56 19.53 3.25 11.30
CA LEU B 56 20.54 2.37 10.76
C LEU B 56 20.92 2.84 9.36
N ASN B 57 22.00 2.26 8.85
CA ASN B 57 22.47 2.55 7.50
C ASN B 57 22.38 1.28 6.67
N SER B 58 21.83 1.40 5.46
CA SER B 58 21.57 0.25 4.58
C SER B 58 22.84 -0.35 3.97
N GLY B 59 23.98 0.27 4.13
CA GLY B 59 25.22 -0.32 3.68
C GLY B 59 25.33 -0.47 2.16
N SER B 60 26.34 -1.22 1.75
CA SER B 60 26.69 -1.26 0.32
C SER B 60 25.66 -2.00 -0.49
N SER B 61 24.99 -3.01 0.08
CA SER B 61 24.03 -3.80 -0.68
C SER B 61 22.61 -3.29 -0.58
N GLY B 62 22.29 -2.58 0.49
CA GLY B 62 20.94 -2.14 0.67
C GLY B 62 19.99 -3.20 1.15
N LYS B 63 20.48 -4.41 1.44
CA LYS B 63 19.57 -5.50 1.77
C LYS B 63 19.26 -5.50 3.26
N VAL B 64 18.00 -5.37 3.58
CA VAL B 64 17.50 -5.27 4.96
C VAL B 64 16.51 -6.40 5.18
N GLN B 65 16.71 -7.13 6.26
CA GLN B 65 15.82 -8.22 6.60
C GLN B 65 15.36 -8.10 8.07
N VAL B 66 14.10 -8.39 8.28
CA VAL B 66 13.51 -8.40 9.61
C VAL B 66 13.21 -9.83 9.98
N GLN B 67 13.58 -10.22 11.20
CA GLN B 67 13.28 -11.54 11.76
C GLN B 67 12.66 -11.34 13.12
N VAL B 68 11.62 -12.12 13.41
CA VAL B 68 10.93 -12.06 14.68
C VAL B 68 10.84 -13.46 15.24
N SER B 69 11.17 -13.61 16.51
CA SER B 69 11.02 -14.89 17.20
C SER B 69 10.48 -14.68 18.60
N VAL B 70 9.85 -15.72 19.11
CA VAL B 70 9.30 -15.72 20.47
C VAL B 70 9.82 -17.00 21.13
N ASN B 71 10.73 -16.85 22.11
CA ASN B 71 11.33 -18.00 22.79
C ASN B 71 12.03 -18.94 21.82
N GLY B 72 12.75 -18.37 20.86
CA GLY B 72 13.45 -19.13 19.87
C GLY B 72 12.63 -19.65 18.70
N ARG B 73 11.30 -19.54 18.72
CA ARG B 73 10.47 -19.99 17.59
C ARG B 73 10.24 -18.83 16.62
N PRO B 74 10.60 -18.96 15.36
CA PRO B 74 10.33 -17.88 14.41
C PRO B 74 8.84 -17.67 14.20
N SER B 75 8.44 -16.41 14.17
CA SER B 75 7.08 -16.09 13.83
C SER B 75 6.88 -16.01 12.33
N ASP B 76 5.63 -16.20 11.91
CA ASP B 76 5.27 -16.06 10.52
C ASP B 76 5.14 -14.59 10.17
N LEU B 77 5.72 -14.20 9.07
CA LEU B 77 5.78 -12.79 8.68
C LEU B 77 4.88 -12.45 7.50
N VAL B 78 4.48 -11.19 7.47
N VAL B 78 4.43 -11.20 7.50
CA VAL B 78 3.76 -10.61 6.35
CA VAL B 78 3.81 -10.60 6.34
C VAL B 78 4.31 -9.20 6.15
C VAL B 78 4.50 -9.26 6.14
N SER B 79 4.52 -8.80 4.89
CA SER B 79 5.17 -7.51 4.63
C SER B 79 4.74 -6.89 3.30
N ALA B 80 4.96 -5.59 3.18
CA ALA B 80 4.79 -4.86 1.92
C ALA B 80 5.57 -3.56 2.04
N GLN B 81 5.75 -2.89 0.90
CA GLN B 81 6.37 -1.58 0.83
C GLN B 81 5.40 -0.65 0.10
N VAL B 82 5.30 0.59 0.58
N VAL B 82 5.20 0.57 0.62
CA VAL B 82 4.42 1.61 0.01
CA VAL B 82 4.43 1.58 -0.10
C VAL B 82 5.22 2.89 -0.18
C VAL B 82 5.26 2.84 -0.22
N ILE B 83 5.04 3.54 -1.33
CA ILE B 83 5.71 4.80 -1.65
C ILE B 83 4.66 5.87 -1.87
N LEU B 84 4.80 6.96 -1.14
CA LEU B 84 3.92 8.11 -1.29
C LEU B 84 4.63 9.28 -1.94
N THR B 85 3.87 9.97 -2.78
CA THR B 85 4.32 11.04 -3.68
C THR B 85 5.72 10.76 -4.26
N ASN B 86 5.94 9.52 -4.67
CA ASN B 86 7.12 9.10 -5.43
C ASN B 86 8.42 9.37 -4.68
N GLU B 87 8.39 9.35 -3.36
N GLU B 87 8.37 9.49 -3.36
CA GLU B 87 9.57 9.78 -2.60
CA GLU B 87 9.49 9.96 -2.53
C GLU B 87 9.59 9.30 -1.15
C GLU B 87 9.56 9.21 -1.20
N LEU B 88 8.44 9.14 -0.51
CA LEU B 88 8.40 8.76 0.90
C LEU B 88 8.10 7.26 1.00
N ASN B 89 9.03 6.53 1.60
CA ASN B 89 9.00 5.05 1.61
C ASN B 89 8.70 4.51 3.00
N PHE B 90 7.83 3.50 3.04
CA PHE B 90 7.52 2.71 4.23
C PHE B 90 7.63 1.22 3.87
N ALA B 91 8.36 0.48 4.66
CA ALA B 91 8.41 -0.99 4.57
C ALA B 91 7.78 -1.50 5.86
N LEU B 92 6.76 -2.33 5.73
CA LEU B 92 5.88 -2.68 6.81
C LEU B 92 5.92 -4.18 7.04
N VAL B 93 6.03 -4.58 8.30
CA VAL B 93 6.12 -6.00 8.66
C VAL B 93 5.11 -6.27 9.77
N GLY B 94 4.31 -7.31 9.58
CA GLY B 94 3.52 -7.90 10.68
C GLY B 94 3.98 -9.31 10.96
N SER B 95 3.65 -9.85 12.14
CA SER B 95 4.13 -11.19 12.49
C SER B 95 3.11 -11.85 13.42
N GLU B 96 3.06 -13.19 13.34
CA GLU B 96 2.12 -13.97 14.10
C GLU B 96 2.89 -15.04 14.88
N ASP B 97 2.70 -15.05 16.20
CA ASP B 97 3.35 -16.01 17.08
C ASP B 97 2.44 -17.11 17.57
N GLY B 98 1.19 -17.14 17.15
CA GLY B 98 0.21 -18.07 17.69
C GLY B 98 -0.81 -18.49 16.68
N THR B 99 -2.08 -18.52 17.09
CA THR B 99 -3.14 -19.10 16.28
C THR B 99 -4.24 -18.16 15.89
N ASP B 100 -4.28 -16.92 16.39
CA ASP B 100 -5.43 -16.06 16.13
C ASP B 100 -5.31 -15.24 14.86
N ASN B 101 -4.14 -15.24 14.23
CA ASN B 101 -3.88 -14.59 12.98
C ASN B 101 -4.24 -13.10 13.01
N ASP B 102 -3.92 -12.44 14.12
CA ASP B 102 -4.04 -10.97 14.10
C ASP B 102 -2.80 -10.32 13.49
N TYR B 103 -1.69 -11.04 13.38
CA TYR B 103 -0.45 -10.58 12.75
C TYR B 103 0.06 -9.24 13.30
N ASN B 104 -0.23 -8.95 14.57
CA ASN B 104 0.25 -7.71 15.20
C ASN B 104 1.22 -7.98 16.34
N ASP B 105 1.66 -9.23 16.51
CA ASP B 105 2.32 -9.64 17.72
C ASP B 105 3.65 -8.93 17.88
N ALA B 106 4.41 -8.81 16.78
CA ALA B 106 5.43 -7.77 16.60
C ALA B 106 5.15 -7.12 15.27
N VAL B 107 5.09 -5.80 15.29
CA VAL B 107 4.88 -4.97 14.11
C VAL B 107 6.16 -4.15 13.92
N VAL B 108 6.65 -4.08 12.69
CA VAL B 108 7.88 -3.35 12.42
C VAL B 108 7.63 -2.39 11.27
N VAL B 109 8.03 -1.14 11.46
CA VAL B 109 7.92 -0.09 10.46
C VAL B 109 9.32 0.42 10.15
N ILE B 110 9.66 0.41 8.87
CA ILE B 110 10.90 0.97 8.33
C ILE B 110 10.54 2.16 7.45
N ASN B 111 11.18 3.30 7.69
CA ASN B 111 10.87 4.50 6.91
C ASN B 111 12.15 5.18 6.45
N TRP B 112 12.10 5.74 5.25
CA TRP B 112 13.17 6.55 4.68
C TRP B 112 12.57 7.40 3.58
N PRO B 113 13.25 8.47 3.19
CA PRO B 113 14.47 8.99 3.74
C PRO B 113 14.27 9.70 5.08
N LEU B 114 15.37 9.92 5.76
CA LEU B 114 15.44 10.67 7.01
C LEU B 114 16.06 12.04 6.77
N GLY B 115 16.05 12.88 7.80
CA GLY B 115 16.73 14.14 7.75
C GLY B 115 15.86 15.29 7.29
N ALA C 2 0.49 17.69 -2.44
CA ALA C 2 1.65 16.97 -3.02
C ALA C 2 1.30 16.56 -4.43
N THR C 3 2.34 16.51 -5.23
CA THR C 3 2.24 16.00 -6.58
C THR C 3 1.74 14.57 -6.53
N GLN C 4 0.87 14.24 -7.46
CA GLN C 4 0.29 12.92 -7.60
C GLN C 4 0.36 12.50 -9.07
N GLY C 5 0.35 11.20 -9.29
CA GLY C 5 0.30 10.65 -10.64
C GLY C 5 1.62 10.63 -11.38
N VAL C 6 2.74 10.81 -10.68
N VAL C 6 2.74 10.87 -10.70
CA VAL C 6 4.07 10.79 -11.26
CA VAL C 6 4.06 10.76 -11.30
C VAL C 6 4.83 9.65 -10.60
C VAL C 6 4.81 9.64 -10.61
N PHE C 7 5.47 8.79 -11.40
CA PHE C 7 6.18 7.64 -10.86
C PHE C 7 7.53 7.53 -11.55
N THR C 8 8.51 7.05 -10.79
CA THR C 8 9.82 6.68 -11.31
C THR C 8 9.88 5.16 -11.43
N LEU C 9 9.88 4.68 -12.66
CA LEU C 9 10.01 3.28 -12.98
C LEU C 9 11.45 2.94 -13.28
N PRO C 10 11.78 1.65 -13.23
CA PRO C 10 13.08 1.19 -13.74
C PRO C 10 13.27 1.66 -15.17
N ALA C 11 14.49 2.05 -15.52
CA ALA C 11 14.77 2.48 -16.87
C ALA C 11 14.63 1.34 -17.87
N ASN C 12 14.15 1.69 -19.07
CA ASN C 12 14.16 0.82 -20.23
C ASN C 12 13.33 -0.44 -20.05
N THR C 13 12.31 -0.37 -19.21
CA THR C 13 11.55 -1.55 -18.80
C THR C 13 10.09 -1.46 -19.28
N ARG C 14 9.57 -2.59 -19.78
N ARG C 14 9.55 -2.57 -19.77
CA ARG C 14 8.16 -2.64 -20.17
CA ARG C 14 8.17 -2.56 -20.22
C ARG C 14 7.29 -2.57 -18.93
C ARG C 14 7.22 -2.68 -19.04
N PHE C 15 6.15 -1.89 -19.07
CA PHE C 15 5.14 -1.88 -18.03
C PHE C 15 3.75 -1.90 -18.68
N GLY C 16 2.78 -2.44 -17.95
CA GLY C 16 1.41 -2.41 -18.39
C GLY C 16 0.71 -1.17 -17.82
N VAL C 17 -0.17 -0.58 -18.60
CA VAL C 17 -1.03 0.48 -18.11
C VAL C 17 -2.46 0.17 -18.57
N THR C 18 -3.39 0.21 -17.62
CA THR C 18 -4.79 -0.13 -17.85
C THR C 18 -5.65 0.93 -17.18
N ALA C 19 -6.71 1.32 -17.87
CA ALA C 19 -7.58 2.36 -17.36
C ALA C 19 -9.05 1.92 -17.33
N PHE C 20 -9.73 2.36 -16.29
CA PHE C 20 -11.12 2.00 -16.01
C PHE C 20 -11.91 3.27 -15.82
N ALA C 21 -13.17 3.25 -16.25
CA ALA C 21 -14.08 4.39 -16.10
C ALA C 21 -15.29 4.10 -15.22
N ASN C 22 -15.65 5.10 -14.37
CA ASN C 22 -16.79 5.03 -13.44
C ASN C 22 -17.37 6.44 -13.26
N SER C 23 -17.99 6.96 -14.33
CA SER C 23 -18.53 8.30 -14.29
C SER C 23 -19.50 8.51 -15.45
N SER C 24 -20.42 9.45 -15.26
CA SER C 24 -21.25 9.88 -16.37
C SER C 24 -20.46 10.68 -17.39
N GLY C 25 -19.31 11.24 -17.01
CA GLY C 25 -18.52 12.03 -17.93
C GLY C 25 -17.57 11.16 -18.72
N THR C 26 -17.30 11.56 -19.95
CA THR C 26 -16.30 10.89 -20.78
C THR C 26 -14.90 11.20 -20.27
N GLN C 27 -14.15 10.15 -19.92
CA GLN C 27 -12.80 10.34 -19.40
C GLN C 27 -11.80 10.38 -20.53
N THR C 28 -10.74 11.19 -20.36
CA THR C 28 -9.56 11.11 -21.21
C THR C 28 -8.36 10.90 -20.31
N VAL C 29 -7.64 9.81 -20.53
CA VAL C 29 -6.46 9.46 -19.76
C VAL C 29 -5.27 9.59 -20.69
N ASN C 30 -4.30 10.43 -20.33
CA ASN C 30 -3.03 10.52 -21.02
C ASN C 30 -1.91 9.92 -20.18
N VAL C 31 -1.09 9.12 -20.83
CA VAL C 31 0.10 8.53 -20.21
C VAL C 31 1.30 9.13 -20.89
N LEU C 32 2.13 9.80 -20.09
CA LEU C 32 3.34 10.49 -20.54
C LEU C 32 4.55 9.71 -20.08
N VAL C 33 5.49 9.53 -20.99
CA VAL C 33 6.75 8.88 -20.70
C VAL C 33 7.83 9.86 -21.14
N ASN C 34 8.68 10.25 -20.20
CA ASN C 34 9.67 11.29 -20.44
C ASN C 34 9.03 12.54 -21.03
N ASN C 35 7.91 12.95 -20.46
CA ASN C 35 7.19 14.16 -20.81
C ASN C 35 6.56 14.16 -22.20
N GLU C 36 6.52 13.05 -22.90
CA GLU C 36 5.84 12.99 -24.18
C GLU C 36 4.62 12.07 -24.06
N THR C 37 3.52 12.40 -24.73
CA THR C 37 2.34 11.56 -24.69
C THR C 37 2.64 10.23 -25.37
N ALA C 38 2.49 9.13 -24.65
CA ALA C 38 2.73 7.80 -25.21
C ALA C 38 1.45 7.00 -25.47
N ALA C 39 0.36 7.32 -24.79
CA ALA C 39 -0.88 6.59 -24.91
C ALA C 39 -2.00 7.52 -24.45
N THR C 40 -3.15 7.40 -25.09
CA THR C 40 -4.36 8.13 -24.73
C THR C 40 -5.52 7.16 -24.78
N PHE C 41 -6.27 7.06 -23.69
CA PHE C 41 -7.46 6.22 -23.61
C PHE C 41 -8.66 7.10 -23.32
N SER C 42 -9.83 6.67 -23.77
CA SER C 42 -11.02 7.47 -23.54
C SER C 42 -12.23 6.55 -23.54
N GLY C 43 -13.23 6.91 -22.74
CA GLY C 43 -14.50 6.20 -22.74
C GLY C 43 -15.45 6.74 -21.70
N GLN C 44 -16.63 6.15 -21.68
CA GLN C 44 -17.68 6.56 -20.76
C GLN C 44 -18.41 5.34 -20.25
N SER C 45 -18.33 5.11 -18.95
CA SER C 45 -18.95 3.97 -18.31
C SER C 45 -19.14 4.29 -16.84
N THR C 46 -20.25 3.81 -16.25
CA THR C 46 -20.40 3.79 -14.79
C THR C 46 -20.30 2.37 -14.25
N ASN C 47 -19.69 1.48 -15.01
CA ASN C 47 -19.59 0.07 -14.65
C ASN C 47 -18.19 -0.48 -14.95
N ASN C 48 -17.16 0.33 -14.70
CA ASN C 48 -15.77 -0.11 -14.63
C ASN C 48 -15.25 -0.63 -15.98
N ALA C 49 -15.72 -0.05 -17.08
CA ALA C 49 -15.23 -0.47 -18.40
C ALA C 49 -13.71 -0.29 -18.48
N VAL C 50 -13.05 -1.24 -19.14
CA VAL C 50 -11.61 -1.17 -19.40
C VAL C 50 -11.45 -0.40 -20.71
N ILE C 51 -11.30 0.92 -20.58
CA ILE C 51 -11.31 1.80 -21.75
C ILE C 51 -9.97 1.79 -22.45
N GLY C 52 -8.96 1.23 -21.83
CA GLY C 52 -7.74 1.00 -22.58
C GLY C 52 -6.74 0.18 -21.80
N THR C 53 -5.87 -0.55 -22.50
CA THR C 53 -4.77 -1.27 -21.87
C THR C 53 -3.67 -1.40 -22.90
N GLN C 54 -2.42 -1.25 -22.46
CA GLN C 54 -1.31 -1.17 -23.39
C GLN C 54 -0.04 -1.48 -22.62
N VAL C 55 0.94 -1.99 -23.33
CA VAL C 55 2.29 -2.17 -22.82
C VAL C 55 3.16 -1.08 -23.41
N LEU C 56 3.89 -0.40 -22.56
CA LEU C 56 4.74 0.71 -22.92
C LEU C 56 6.13 0.42 -22.37
N ASN C 57 7.10 1.18 -22.84
CA ASN C 57 8.47 1.09 -22.33
C ASN C 57 8.78 2.39 -21.60
N SER C 58 9.34 2.27 -20.41
CA SER C 58 9.62 3.44 -19.57
C SER C 58 10.74 4.34 -20.08
N GLY C 59 11.52 3.90 -21.02
CA GLY C 59 12.55 4.73 -21.63
C GLY C 59 13.77 4.96 -20.76
N SER C 60 14.61 5.90 -21.18
N SER C 60 14.61 5.89 -21.18
CA SER C 60 15.92 6.07 -20.53
CA SER C 60 15.91 6.07 -20.54
C SER C 60 15.78 6.64 -19.12
C SER C 60 15.79 6.64 -19.14
N SER C 61 14.80 7.49 -18.90
CA SER C 61 14.63 8.12 -17.61
C SER C 61 13.72 7.35 -16.67
N GLY C 62 12.83 6.53 -17.20
CA GLY C 62 11.85 5.88 -16.35
C GLY C 62 10.76 6.77 -15.80
N LYS C 63 10.63 8.01 -16.26
CA LYS C 63 9.62 8.94 -15.70
C LYS C 63 8.26 8.75 -16.40
N VAL C 64 7.24 8.38 -15.63
CA VAL C 64 5.90 8.13 -16.14
C VAL C 64 4.93 9.05 -15.39
N GLN C 65 4.06 9.74 -16.14
CA GLN C 65 3.08 10.64 -15.55
C GLN C 65 1.72 10.32 -16.14
N VAL C 66 0.71 10.35 -15.30
CA VAL C 66 -0.68 10.09 -15.67
C VAL C 66 -1.44 11.41 -15.52
N GLN C 67 -2.17 11.78 -16.54
CA GLN C 67 -3.06 12.95 -16.50
C GLN C 67 -4.46 12.51 -16.92
N VAL C 68 -5.47 13.02 -16.21
CA VAL C 68 -6.85 12.70 -16.55
C VAL C 68 -7.65 13.99 -16.72
N SER C 69 -8.47 14.03 -17.76
N SER C 69 -8.51 14.03 -17.72
CA SER C 69 -9.31 15.16 -18.11
CA SER C 69 -9.34 15.19 -17.97
C SER C 69 -10.72 14.67 -18.41
C SER C 69 -10.67 14.74 -18.53
N VAL C 70 -11.67 15.60 -18.31
CA VAL C 70 -13.05 15.35 -18.70
C VAL C 70 -13.51 16.57 -19.48
N ASN C 71 -13.74 16.42 -20.78
N ASN C 71 -13.78 16.40 -20.78
CA ASN C 71 -14.15 17.55 -21.62
CA ASN C 71 -14.10 17.51 -21.69
C ASN C 71 -13.23 18.76 -21.39
C ASN C 71 -13.24 18.73 -21.34
N GLY C 72 -11.93 18.50 -21.28
CA GLY C 72 -10.94 19.54 -21.16
C GLY C 72 -10.57 19.99 -19.75
N ARG C 73 -11.31 19.61 -18.75
CA ARG C 73 -10.92 20.06 -17.42
C ARG C 73 -10.18 18.94 -16.69
N PRO C 74 -9.06 19.27 -16.10
CA PRO C 74 -8.26 18.27 -15.39
C PRO C 74 -8.95 17.81 -14.13
N SER C 75 -8.90 16.49 -13.93
CA SER C 75 -9.39 15.89 -12.71
C SER C 75 -8.33 15.96 -11.62
N ASP C 76 -8.79 15.92 -10.37
CA ASP C 76 -7.90 15.87 -9.22
C ASP C 76 -7.45 14.42 -9.07
N LEU C 77 -6.16 14.20 -8.85
CA LEU C 77 -5.59 12.87 -8.78
C LEU C 77 -5.16 12.48 -7.38
N VAL C 78 -5.26 11.18 -7.10
N VAL C 78 -5.19 11.17 -7.11
CA VAL C 78 -4.59 10.57 -5.96
CA VAL C 78 -4.60 10.58 -5.91
C VAL C 78 -3.81 9.37 -6.48
C VAL C 78 -3.89 9.30 -6.34
N SER C 79 -2.71 9.05 -5.79
CA SER C 79 -1.86 7.98 -6.27
C SER C 79 -0.96 7.44 -5.17
N ALA C 80 -0.47 6.22 -5.40
CA ALA C 80 0.52 5.60 -4.55
C ALA C 80 1.16 4.45 -5.33
N GLN C 81 2.26 3.94 -4.80
CA GLN C 81 2.92 2.77 -5.38
C GLN C 81 3.07 1.73 -4.27
N VAL C 82 2.84 0.45 -4.57
N VAL C 82 2.87 0.46 -4.61
CA VAL C 82 2.99 -0.60 -3.58
CA VAL C 82 2.93 -0.66 -3.69
C VAL C 82 3.79 -1.73 -4.19
C VAL C 82 3.90 -1.69 -4.26
N ILE C 83 4.71 -2.30 -3.39
CA ILE C 83 5.62 -3.33 -3.81
C ILE C 83 5.40 -4.56 -2.94
N LEU C 84 5.12 -5.70 -3.60
CA LEU C 84 4.89 -6.96 -2.93
C LEU C 84 6.08 -7.88 -3.17
N THR C 85 6.41 -8.66 -2.12
CA THR C 85 7.59 -9.52 -1.99
C THR C 85 8.83 -8.94 -2.69
N ASN C 86 9.05 -7.64 -2.45
CA ASN C 86 10.26 -6.95 -2.87
C ASN C 86 10.52 -7.03 -4.38
N GLU C 87 9.47 -7.23 -5.19
N GLU C 87 9.48 -7.26 -5.18
CA GLU C 87 9.67 -7.49 -6.61
CA GLU C 87 9.67 -7.49 -6.62
C GLU C 87 8.52 -7.06 -7.52
C GLU C 87 8.51 -6.94 -7.47
N LEU C 88 7.28 -7.20 -7.05
CA LEU C 88 6.10 -6.94 -7.88
C LEU C 88 5.56 -5.55 -7.59
N ASN C 89 5.47 -4.69 -8.61
CA ASN C 89 5.13 -3.28 -8.44
C ASN C 89 3.80 -2.92 -9.04
N PHE C 90 3.06 -2.11 -8.30
CA PHE C 90 1.85 -1.48 -8.78
C PHE C 90 1.91 0.01 -8.52
N ALA C 91 1.59 0.79 -9.54
CA ALA C 91 1.41 2.22 -9.38
C ALA C 91 -0.06 2.47 -9.65
N LEU C 92 -0.73 3.14 -8.72
CA LEU C 92 -2.18 3.26 -8.70
C LEU C 92 -2.60 4.73 -8.75
N VAL C 93 -3.59 5.06 -9.57
CA VAL C 93 -4.10 6.40 -9.73
C VAL C 93 -5.63 6.36 -9.65
N GLY C 94 -6.21 7.25 -8.85
CA GLY C 94 -7.63 7.54 -8.87
C GLY C 94 -7.80 9.00 -9.27
N SER C 95 -9.01 9.36 -9.68
CA SER C 95 -9.22 10.71 -10.14
C SER C 95 -10.68 11.07 -9.90
N GLU C 96 -10.91 12.38 -9.71
CA GLU C 96 -12.21 12.93 -9.36
C GLU C 96 -12.56 14.05 -10.32
N ASP C 97 -13.66 13.89 -11.05
CA ASP C 97 -14.14 14.85 -12.03
C ASP C 97 -15.27 15.72 -11.50
N GLY C 98 -15.73 15.48 -10.29
CA GLY C 98 -16.94 16.13 -9.82
C GLY C 98 -16.94 16.49 -8.35
N THR C 99 -18.03 16.21 -7.65
CA THR C 99 -18.17 16.67 -6.27
C THR C 99 -18.41 15.56 -5.27
N ASP C 100 -18.60 14.31 -5.70
CA ASP C 100 -18.92 13.28 -4.73
C ASP C 100 -17.69 12.64 -4.10
N ASN C 101 -16.48 12.95 -4.59
CA ASN C 101 -15.23 12.47 -4.01
C ASN C 101 -15.14 10.95 -3.89
N ASP C 102 -15.65 10.22 -4.91
CA ASP C 102 -15.42 8.78 -4.92
C ASP C 102 -14.08 8.40 -5.56
N TYR C 103 -13.46 9.33 -6.29
CA TYR C 103 -12.11 9.21 -6.83
C TYR C 103 -11.96 7.97 -7.70
N ASN C 104 -13.05 7.50 -8.33
CA ASN C 104 -12.98 6.33 -9.21
C ASN C 104 -13.33 6.68 -10.64
N ASP C 105 -13.38 7.96 -10.97
CA ASP C 105 -14.04 8.37 -12.21
C ASP C 105 -13.22 7.91 -13.41
N ALA C 106 -11.92 8.05 -13.32
CA ALA C 106 -10.99 7.20 -14.03
C ALA C 106 -10.01 6.63 -13.04
N VAL C 107 -9.73 5.33 -13.21
CA VAL C 107 -8.78 4.59 -12.37
C VAL C 107 -7.71 4.05 -13.29
N VAL C 108 -6.46 4.24 -12.92
CA VAL C 108 -5.35 3.76 -13.73
C VAL C 108 -4.47 2.86 -12.87
N VAL C 109 -4.16 1.69 -13.41
CA VAL C 109 -3.25 0.74 -12.80
C VAL C 109 -2.06 0.54 -13.71
N ILE C 110 -0.86 0.72 -13.16
CA ILE C 110 0.41 0.43 -13.83
C ILE C 110 1.11 -0.70 -13.11
N ASN C 111 1.55 -1.70 -13.85
CA ASN C 111 2.15 -2.86 -13.21
C ASN C 111 3.41 -3.26 -13.93
N TRP C 112 4.39 -3.66 -13.14
CA TRP C 112 5.64 -4.21 -13.67
C TRP C 112 6.28 -5.06 -12.59
N PRO C 113 7.23 -5.93 -12.96
CA PRO C 113 7.67 -6.30 -14.32
C PRO C 113 6.65 -7.16 -15.05
N LEU C 114 6.84 -7.23 -16.36
CA LEU C 114 6.07 -8.07 -17.27
C LEU C 114 6.91 -9.25 -17.72
N GLY C 115 6.24 -10.18 -18.40
CA GLY C 115 6.89 -11.31 -19.00
C GLY C 115 6.97 -12.57 -18.19
N ALA D 2 1.43 -16.81 5.79
CA ALA D 2 0.15 -16.09 6.00
C ALA D 2 -0.77 -16.36 4.83
N THR D 3 -2.06 -16.41 5.11
CA THR D 3 -3.06 -16.49 4.07
C THR D 3 -2.99 -15.25 3.17
N GLN D 4 -3.11 -15.49 1.89
CA GLN D 4 -3.04 -14.43 0.88
C GLN D 4 -4.24 -14.58 -0.06
N GLY D 5 -4.64 -13.49 -0.69
CA GLY D 5 -5.68 -13.61 -1.67
C GLY D 5 -7.09 -13.58 -1.13
N VAL D 6 -7.26 -13.27 0.13
CA VAL D 6 -8.57 -13.21 0.77
C VAL D 6 -8.81 -11.78 1.23
N PHE D 7 -9.97 -11.24 0.89
CA PHE D 7 -10.30 -9.86 1.19
C PHE D 7 -11.73 -9.78 1.74
N THR D 8 -11.93 -8.91 2.72
CA THR D 8 -13.28 -8.58 3.22
C THR D 8 -13.73 -7.26 2.64
N LEU D 9 -14.73 -7.32 1.80
CA LEU D 9 -15.37 -6.15 1.23
C LEU D 9 -16.60 -5.81 2.02
N PRO D 10 -17.03 -4.56 1.96
CA PRO D 10 -18.37 -4.24 2.48
C PRO D 10 -19.42 -5.13 1.83
N ALA D 11 -20.43 -5.48 2.61
CA ALA D 11 -21.49 -6.32 2.06
C ALA D 11 -22.20 -5.65 0.91
N ASN D 12 -22.66 -6.49 -0.03
CA ASN D 12 -23.59 -6.09 -1.09
C ASN D 12 -23.05 -4.93 -1.93
N THR D 13 -21.76 -5.00 -2.24
CA THR D 13 -21.05 -3.94 -2.95
C THR D 13 -20.55 -4.51 -4.29
N ARG D 14 -20.76 -3.76 -5.36
N ARG D 14 -20.78 -3.76 -5.36
CA ARG D 14 -20.25 -4.16 -6.67
CA ARG D 14 -20.22 -4.11 -6.65
C ARG D 14 -18.77 -3.80 -6.76
C ARG D 14 -18.72 -3.86 -6.61
N PHE D 15 -17.98 -4.74 -7.24
CA PHE D 15 -16.55 -4.54 -7.40
C PHE D 15 -16.10 -5.05 -8.75
N GLY D 16 -15.03 -4.48 -9.27
CA GLY D 16 -14.44 -4.95 -10.51
C GLY D 16 -13.30 -5.92 -10.21
N VAL D 17 -13.17 -6.94 -11.05
CA VAL D 17 -12.00 -7.82 -11.00
C VAL D 17 -11.44 -7.98 -12.40
N THR D 18 -10.13 -7.82 -12.52
CA THR D 18 -9.42 -7.87 -13.80
C THR D 18 -8.14 -8.65 -13.59
N ALA D 19 -7.84 -9.57 -14.52
CA ALA D 19 -6.68 -10.45 -14.42
C ALA D 19 -5.83 -10.31 -15.68
N PHE D 20 -4.53 -10.34 -15.47
CA PHE D 20 -3.52 -10.23 -16.50
C PHE D 20 -2.62 -11.45 -16.42
N ALA D 21 -2.05 -11.87 -17.54
CA ALA D 21 -1.15 -13.02 -17.55
C ALA D 21 0.23 -12.64 -18.07
N ASN D 22 1.24 -13.24 -17.49
CA ASN D 22 2.69 -13.04 -17.82
C ASN D 22 3.46 -14.33 -17.55
N SER D 23 3.25 -15.36 -18.37
CA SER D 23 3.84 -16.66 -18.13
C SER D 23 3.65 -17.52 -19.39
N SER D 24 4.54 -18.48 -19.54
CA SER D 24 4.40 -19.49 -20.60
C SER D 24 3.24 -20.44 -20.30
N GLY D 25 2.84 -20.52 -19.04
CA GLY D 25 1.80 -21.43 -18.64
C GLY D 25 0.41 -20.80 -18.70
N THR D 26 -0.58 -21.62 -18.99
CA THR D 26 -1.97 -21.16 -18.99
C THR D 26 -2.45 -20.94 -17.56
N GLN D 27 -2.89 -19.72 -17.28
CA GLN D 27 -3.36 -19.36 -15.95
C GLN D 27 -4.85 -19.58 -15.82
N THR D 28 -5.26 -20.16 -14.69
CA THR D 28 -6.65 -20.25 -14.32
C THR D 28 -6.88 -19.47 -13.04
N VAL D 29 -7.73 -18.47 -13.13
CA VAL D 29 -8.00 -17.57 -12.02
C VAL D 29 -9.45 -17.83 -11.61
N ASN D 30 -9.66 -18.23 -10.35
CA ASN D 30 -11.00 -18.39 -9.80
C ASN D 30 -11.25 -17.30 -8.77
N VAL D 31 -12.40 -16.64 -8.87
CA VAL D 31 -12.84 -15.66 -7.89
C VAL D 31 -14.03 -16.26 -7.15
N LEU D 32 -13.89 -16.38 -5.84
N LEU D 32 -13.87 -16.42 -5.84
CA LEU D 32 -14.91 -16.98 -4.98
CA LEU D 32 -14.89 -16.94 -4.96
C LEU D 32 -15.56 -15.90 -4.14
C LEU D 32 -15.58 -15.78 -4.26
N VAL D 33 -16.89 -15.88 -4.14
CA VAL D 33 -17.64 -14.98 -3.29
C VAL D 33 -18.49 -15.82 -2.36
N ASN D 34 -18.29 -15.63 -1.06
CA ASN D 34 -18.87 -16.51 -0.03
C ASN D 34 -18.58 -17.98 -0.30
N ASN D 35 -17.32 -18.28 -0.59
N ASN D 35 -17.31 -18.28 -0.55
CA ASN D 35 -16.80 -19.63 -0.76
CA ASN D 35 -16.84 -19.66 -0.76
C ASN D 35 -17.35 -20.34 -2.00
C ASN D 35 -17.67 -20.38 -1.83
N GLU D 36 -18.09 -19.63 -2.85
CA GLU D 36 -18.67 -20.16 -4.08
C GLU D 36 -18.05 -19.48 -5.30
N THR D 37 -17.74 -20.26 -6.33
CA THR D 37 -17.10 -19.70 -7.51
C THR D 37 -18.04 -18.74 -8.23
N ALA D 38 -17.62 -17.49 -8.36
CA ALA D 38 -18.39 -16.49 -9.04
C ALA D 38 -17.86 -16.15 -10.41
N ALA D 39 -16.57 -16.32 -10.67
CA ALA D 39 -16.03 -16.07 -11.99
C ALA D 39 -14.80 -16.93 -12.14
N THR D 40 -14.52 -17.33 -13.38
CA THR D 40 -13.32 -18.07 -13.74
C THR D 40 -12.77 -17.48 -15.01
N PHE D 41 -11.49 -17.12 -15.00
CA PHE D 41 -10.79 -16.62 -16.18
C PHE D 41 -9.64 -17.56 -16.50
N SER D 42 -9.44 -17.83 -17.78
N SER D 42 -9.40 -17.83 -17.79
CA SER D 42 -8.30 -18.61 -18.22
CA SER D 42 -8.27 -18.65 -18.16
C SER D 42 -7.67 -17.90 -19.40
C SER D 42 -7.69 -18.16 -19.48
N GLY D 43 -6.37 -18.09 -19.55
CA GLY D 43 -5.66 -17.53 -20.69
C GLY D 43 -4.16 -17.64 -20.54
N GLN D 44 -3.46 -17.32 -21.62
CA GLN D 44 -2.01 -17.42 -21.65
C GLN D 44 -1.46 -16.23 -22.42
N SER D 45 -0.49 -15.57 -21.83
CA SER D 45 0.18 -14.42 -22.43
C SER D 45 1.50 -14.23 -21.71
N THR D 46 2.54 -13.79 -22.44
CA THR D 46 3.73 -13.23 -21.81
C THR D 46 3.83 -11.71 -21.98
N ASN D 47 2.73 -11.08 -22.32
CA ASN D 47 2.72 -9.64 -22.57
C ASN D 47 1.58 -8.94 -21.85
N ASN D 48 1.23 -9.42 -20.66
CA ASN D 48 0.29 -8.71 -19.77
C ASN D 48 -1.11 -8.60 -20.36
N ALA D 49 -1.51 -9.53 -21.21
CA ALA D 49 -2.83 -9.49 -21.77
C ALA D 49 -3.89 -9.62 -20.69
N VAL D 50 -5.00 -8.92 -20.87
CA VAL D 50 -6.15 -9.09 -19.99
C VAL D 50 -6.78 -10.43 -20.32
N ILE D 51 -6.78 -11.35 -19.36
CA ILE D 51 -7.44 -12.63 -19.63
C ILE D 51 -8.87 -12.64 -19.12
N GLY D 52 -9.28 -11.64 -18.38
CA GLY D 52 -10.65 -11.55 -17.96
C GLY D 52 -10.94 -10.26 -17.22
N THR D 53 -12.15 -9.75 -17.35
CA THR D 53 -12.61 -8.65 -16.51
C THR D 53 -14.12 -8.82 -16.33
N GLN D 54 -14.59 -8.54 -15.12
CA GLN D 54 -15.99 -8.76 -14.75
C GLN D 54 -16.33 -7.90 -13.56
N VAL D 55 -17.59 -7.53 -13.46
CA VAL D 55 -18.13 -6.86 -12.29
C VAL D 55 -18.96 -7.85 -11.49
N LEU D 56 -18.67 -7.94 -10.21
CA LEU D 56 -19.31 -8.89 -9.30
C LEU D 56 -19.88 -8.15 -8.10
N ASN D 57 -20.64 -8.87 -7.29
CA ASN D 57 -21.26 -8.34 -6.08
C ASN D 57 -20.74 -9.13 -4.89
N SER D 58 -20.29 -8.42 -3.87
CA SER D 58 -19.62 -9.06 -2.73
C SER D 58 -20.60 -9.86 -1.85
N GLY D 59 -21.89 -9.70 -2.03
CA GLY D 59 -22.86 -10.53 -1.32
C GLY D 59 -23.02 -10.17 0.16
N SER D 60 -23.69 -11.06 0.91
CA SER D 60 -24.05 -10.73 2.28
C SER D 60 -22.85 -10.79 3.24
N SER D 61 -21.86 -11.63 2.97
CA SER D 61 -20.68 -11.73 3.83
C SER D 61 -19.51 -10.83 3.42
N GLY D 62 -19.45 -10.41 2.17
CA GLY D 62 -18.37 -9.59 1.71
C GLY D 62 -17.06 -10.32 1.53
N LYS D 63 -17.02 -11.64 1.65
N LYS D 63 -17.02 -11.63 1.71
CA LYS D 63 -15.75 -12.37 1.66
CA LYS D 63 -15.78 -12.38 1.61
C LYS D 63 -15.39 -12.80 0.23
C LYS D 63 -15.47 -12.68 0.15
N VAL D 64 -14.30 -12.24 -0.31
CA VAL D 64 -13.85 -12.48 -1.66
C VAL D 64 -12.49 -13.16 -1.60
N GLN D 65 -12.32 -14.23 -2.36
CA GLN D 65 -11.08 -14.97 -2.39
C GLN D 65 -10.66 -15.21 -3.83
N VAL D 66 -9.35 -15.05 -4.09
CA VAL D 66 -8.77 -15.27 -5.40
C VAL D 66 -7.91 -16.50 -5.31
N GLN D 67 -8.08 -17.43 -6.26
N GLN D 67 -8.14 -17.45 -6.23
CA GLN D 67 -7.18 -18.57 -6.34
CA GLN D 67 -7.28 -18.63 -6.40
C GLN D 67 -6.69 -18.75 -7.75
C GLN D 67 -6.64 -18.55 -7.77
N VAL D 68 -5.40 -19.03 -7.87
CA VAL D 68 -4.73 -19.17 -9.16
C VAL D 68 -4.08 -20.54 -9.25
N SER D 69 -4.26 -21.20 -10.38
N SER D 69 -4.29 -21.20 -10.38
CA SER D 69 -3.63 -22.48 -10.63
CA SER D 69 -3.71 -22.50 -10.67
C SER D 69 -3.21 -22.57 -12.09
C SER D 69 -3.17 -22.51 -12.09
N VAL D 70 -2.21 -23.40 -12.32
CA VAL D 70 -1.66 -23.65 -13.66
C VAL D 70 -1.64 -25.15 -13.81
N ASN D 71 -2.43 -25.67 -14.73
CA ASN D 71 -2.54 -27.12 -14.93
C ASN D 71 -2.89 -27.86 -13.64
N GLY D 72 -3.81 -27.29 -12.84
CA GLY D 72 -4.23 -27.87 -11.58
C GLY D 72 -3.33 -27.63 -10.39
N ARG D 73 -2.13 -27.07 -10.58
CA ARG D 73 -1.21 -26.83 -9.49
C ARG D 73 -1.44 -25.43 -8.93
N PRO D 74 -1.76 -25.29 -7.66
CA PRO D 74 -1.99 -23.95 -7.11
C PRO D 74 -0.72 -23.13 -7.08
N SER D 75 -0.83 -21.90 -7.55
CA SER D 75 0.28 -20.99 -7.51
C SER D 75 0.46 -20.37 -6.13
N ASP D 76 1.67 -19.94 -5.84
CA ASP D 76 1.91 -19.21 -4.61
C ASP D 76 1.42 -17.79 -4.79
N LEU D 77 0.75 -17.24 -3.77
CA LEU D 77 0.11 -15.94 -3.91
C LEU D 77 0.78 -14.90 -3.02
N VAL D 78 0.68 -13.65 -3.45
N VAL D 78 0.74 -13.64 -3.48
CA VAL D 78 1.06 -12.51 -2.61
CA VAL D 78 1.02 -12.51 -2.60
C VAL D 78 0.00 -11.44 -2.81
C VAL D 78 -0.12 -11.52 -2.78
N SER D 79 -0.43 -10.78 -1.71
CA SER D 79 -1.55 -9.85 -1.82
C SER D 79 -1.45 -8.73 -0.79
N ALA D 80 -2.18 -7.66 -1.07
CA ALA D 80 -2.37 -6.58 -0.11
C ALA D 80 -3.59 -5.76 -0.55
N GLN D 81 -4.11 -4.97 0.38
CA GLN D 81 -5.12 -3.98 0.05
C GLN D 81 -4.60 -2.58 0.36
N VAL D 82 -4.94 -1.62 -0.51
N VAL D 82 -4.92 -1.61 -0.50
CA VAL D 82 -4.56 -0.22 -0.38
CA VAL D 82 -4.53 -0.21 -0.29
C VAL D 82 -5.82 0.62 -0.47
C VAL D 82 -5.71 0.71 -0.56
N ILE D 83 -5.88 1.69 0.34
CA ILE D 83 -6.99 2.63 0.30
C ILE D 83 -6.45 4.03 0.13
N LEU D 84 -6.96 4.73 -0.86
CA LEU D 84 -6.51 6.07 -1.19
C LEU D 84 -7.62 7.04 -0.86
N THR D 85 -7.22 8.17 -0.31
CA THR D 85 -8.09 9.22 0.18
C THR D 85 -9.32 8.69 0.89
N ASN D 86 -9.10 7.68 1.72
CA ASN D 86 -10.09 7.11 2.63
C ASN D 86 -11.35 6.65 1.90
N GLU D 87 -11.23 6.28 0.64
CA GLU D 87 -12.39 5.99 -0.19
C GLU D 87 -12.13 4.99 -1.31
N LEU D 88 -10.99 5.06 -1.99
CA LEU D 88 -10.77 4.29 -3.21
C LEU D 88 -9.95 3.07 -2.84
N ASN D 89 -10.50 1.88 -3.05
CA ASN D 89 -9.90 0.63 -2.61
C ASN D 89 -9.34 -0.18 -3.75
N PHE D 90 -8.16 -0.75 -3.52
CA PHE D 90 -7.57 -1.72 -4.43
C PHE D 90 -7.18 -2.96 -3.64
N ALA D 91 -7.54 -4.12 -4.13
CA ALA D 91 -7.04 -5.38 -3.59
C ALA D 91 -6.20 -6.00 -4.70
N LEU D 92 -4.94 -6.29 -4.39
CA LEU D 92 -3.96 -6.63 -5.41
C LEU D 92 -3.41 -8.02 -5.14
N VAL D 93 -3.32 -8.84 -6.18
CA VAL D 93 -2.81 -10.20 -6.08
C VAL D 93 -1.75 -10.40 -7.15
N GLY D 94 -0.62 -11.00 -6.76
CA GLY D 94 0.34 -11.53 -7.71
C GLY D 94 0.50 -12.99 -7.44
N SER D 95 1.10 -13.72 -8.36
CA SER D 95 1.14 -15.16 -8.21
C SER D 95 2.37 -15.69 -8.93
N GLU D 96 2.93 -16.79 -8.39
CA GLU D 96 4.11 -17.44 -8.97
C GLU D 96 3.81 -18.90 -9.28
N ASP D 97 4.04 -19.28 -10.53
CA ASP D 97 3.83 -20.64 -11.03
C ASP D 97 5.13 -21.44 -11.24
N GLY D 98 6.30 -20.86 -10.98
CA GLY D 98 7.59 -21.48 -11.33
C GLY D 98 8.67 -21.11 -10.35
N THR D 99 9.87 -20.77 -10.88
CA THR D 99 11.07 -20.63 -10.09
C THR D 99 11.71 -19.25 -10.15
N ASP D 100 11.27 -18.36 -11.03
CA ASP D 100 12.00 -17.09 -11.15
C ASP D 100 11.53 -16.07 -10.13
N ASN D 101 10.45 -16.33 -9.40
CA ASN D 101 9.94 -15.43 -8.38
C ASN D 101 9.68 -14.00 -8.89
N ASP D 102 9.14 -13.87 -10.11
CA ASP D 102 8.69 -12.54 -10.51
C ASP D 102 7.26 -12.24 -10.04
N TYR D 103 6.49 -13.28 -9.65
CA TYR D 103 5.19 -13.13 -9.03
C TYR D 103 4.22 -12.32 -9.90
N ASN D 104 4.39 -12.35 -11.21
CA ASN D 104 3.46 -11.70 -12.13
C ASN D 104 2.72 -12.67 -13.04
N ASP D 105 2.80 -13.96 -12.77
CA ASP D 105 2.39 -14.94 -13.77
C ASP D 105 0.90 -14.87 -14.01
N ALA D 106 0.14 -14.62 -12.94
CA ALA D 106 -1.20 -14.06 -13.05
C ALA D 106 -1.26 -12.93 -12.03
N VAL D 107 -1.70 -11.76 -12.48
CA VAL D 107 -1.90 -10.59 -11.65
C VAL D 107 -3.38 -10.30 -11.62
N VAL D 108 -3.92 -10.04 -10.42
CA VAL D 108 -5.34 -9.73 -10.29
C VAL D 108 -5.51 -8.43 -9.54
N VAL D 109 -6.34 -7.56 -10.11
CA VAL D 109 -6.68 -6.27 -9.49
C VAL D 109 -8.18 -6.26 -9.23
N ILE D 110 -8.54 -5.96 -7.99
CA ILE D 110 -9.91 -5.80 -7.57
C ILE D 110 -10.05 -4.35 -7.14
N ASN D 111 -11.08 -3.67 -7.61
CA ASN D 111 -11.25 -2.28 -7.25
C ASN D 111 -12.71 -1.99 -6.92
N TRP D 112 -12.91 -1.06 -5.98
CA TRP D 112 -14.23 -0.58 -5.58
C TRP D 112 -14.02 0.71 -4.81
N PRO D 113 -15.06 1.56 -4.70
CA PRO D 113 -16.38 1.42 -5.28
C PRO D 113 -16.38 1.66 -6.77
N LEU D 114 -17.47 1.20 -7.39
CA LEU D 114 -17.76 1.45 -8.79
C LEU D 114 -18.81 2.55 -8.89
N GLY D 115 -19.04 2.99 -10.11
CA GLY D 115 -20.14 3.86 -10.43
C GLY D 115 -19.84 5.33 -10.40
CA CA E . 10.88 18.86 4.04
CA CA F . 12.89 16.60 6.22
C1 FUC G . 13.46 21.60 6.93
C2 FUC G . 12.84 20.39 6.23
C3 FUC G . 13.83 19.71 5.36
C4 FUC G . 15.05 19.27 6.11
C5 FUC G . 15.63 20.47 6.87
C6 FUC G . 16.70 20.06 7.84
O1 FUC G . 13.92 22.52 6.00
O2 FUC G . 11.78 20.82 5.39
O3 FUC G . 13.17 18.59 4.70
O4 FUC G . 14.59 18.26 7.00
O5 FUC G . 14.62 21.15 7.69
D1 FUC G . 12.81 21.97 7.53
D2 FUC G . 12.51 19.77 6.91
D3 FUC G . 14.10 20.35 4.69
D4 FUC G . 15.72 18.90 5.50
D5 FUC G . 15.98 21.12 6.25
D61 FUC G . 17.12 20.87 8.18
D62 FUC G . 17.36 19.50 7.41
D63 FUC G . 16.30 19.56 8.56
DO1 FUC G . 13.93 23.31 6.34
DO2 FUC G . 11.09 21.01 5.87
DO3 FUC G . 13.56 18.42 3.95
DO4 FUC G . 15.25 17.87 7.34
CA CA H . -1.38 -13.27 17.24
CA CA I . -1.68 -10.00 19.12
C1 FUC J . -0.75 -14.24 21.83
C2 FUC J . -0.98 -13.55 20.49
C3 FUC J . -2.39 -13.07 20.39
C4 FUC J . -2.78 -12.14 21.51
C5 FUC J . -2.46 -12.80 22.84
C6 FUC J . -2.70 -11.85 23.98
O1 FUC J . -1.57 -15.32 21.99
O2 FUC J . -0.72 -14.36 19.34
O3 FUC J . -2.53 -12.35 19.16
O4 FUC J . -2.02 -10.92 21.38
O5 FUC J . -1.07 -13.25 22.89
D1 FUC J . 0.18 -14.52 21.89
D2 FUC J . -0.36 -12.82 20.46
D3 FUC J . -3.00 -13.84 20.39
D4 FUC J . -3.73 -11.97 21.51
D5 FUC J . -3.03 -13.56 22.93
D61 FUC J . -2.12 -11.07 23.93
D62 FUC J . -3.64 -11.56 23.94
D63 FUC J . -2.54 -12.31 24.82
DO1 FUC J . -1.82 -15.60 21.23
DO2 FUC J . 0.10 -14.59 19.35
DO3 FUC J . -3.29 -12.49 18.80
DO4 FUC J . -2.21 -10.37 22.01
S SO4 K . 3.25 -1.51 28.10
O1 SO4 K . 3.07 -1.55 29.56
O2 SO4 K . 2.01 -1.07 27.50
O3 SO4 K . 3.55 -2.84 27.67
O4 SO4 K . 4.21 -0.48 27.74
CA CA L . -17.61 7.87 -10.02
CA CA M . -16.66 11.28 -8.76
C1 FUC N . -19.92 11.90 -12.10
C2 FUC N . -18.94 11.25 -11.10
C3 FUC N . -19.64 10.53 -10.01
C4 FUC N . -20.57 9.47 -10.54
C5 FUC N . -21.52 10.13 -11.55
C6 FUC N . -22.38 9.13 -12.20
O1 FUC N . -20.69 12.85 -11.47
O2 FUC N . -18.13 12.28 -10.55
O3 FUC N . -18.68 9.92 -9.09
O4 FUC N . -19.78 8.45 -11.16
O5 FUC N . -20.79 10.80 -12.62
D1 FUC N . -19.41 12.30 -12.80
D2 FUC N . -18.37 10.62 -11.58
D3 FUC N . -20.18 11.19 -9.53
D4 FUC N . -21.08 9.12 -9.80
D5 FUC N . -22.07 10.79 -11.09
D61 FUC N . -22.75 8.52 -11.54
D62 FUC N . -23.10 9.60 -12.67
D63 FUC N . -21.83 8.65 -12.83
DO1 FUC N . -21.25 13.17 -12.03
DO2 FUC N . -17.78 12.72 -11.19
DO3 FUC N . -19.07 9.61 -8.42
DO4 FUC N . -20.21 7.73 -11.28
C1 FUC O . 7.03 -19.16 -16.53
C2 FUC O . 6.99 -17.97 -15.54
C3 FUC O . 8.11 -16.99 -15.71
C4 FUC O . 8.11 -16.46 -17.08
C5 FUC O . 8.14 -17.62 -18.11
C6 FUC O . 7.94 -17.21 -19.55
O1 FUC O . 8.12 -19.93 -16.40
O2 FUC O . 7.03 -18.43 -14.17
O3 FUC O . 7.95 -15.88 -14.77
O4 FUC O . 6.94 -15.68 -17.23
O5 FUC O . 7.03 -18.52 -17.86
D1 FUC O . 6.23 -19.73 -16.45
D2 FUC O . 6.14 -17.51 -15.69
D3 FUC O . 8.98 -17.40 -15.56
D4 FUC O . 8.86 -15.87 -17.17
D5 FUC O . 8.95 -18.13 -18.03
D61 FUC O . 7.02 -17.00 -19.74
D62 FUC O . 8.19 -17.93 -20.13
D63 FUC O . 8.48 -16.43 -19.74
DO1 FUC O . 8.56 -19.73 -15.69
DO2 FUC O . 6.50 -19.10 -14.11
DO3 FUC O . 8.71 -15.59 -14.54
DO4 FUC O . 7.09 -15.11 -17.83
CA CA P . 7.14 -16.57 -12.54
CA CA Q . 6.21 -14.22 -15.34
#